data_2FU9
#
_entry.id   2FU9
#
_cell.length_a   105.050
_cell.length_b   105.050
_cell.length_c   196.700
_cell.angle_alpha   90.00
_cell.angle_beta   90.00
_cell.angle_gamma   120.00
#
_symmetry.space_group_name_H-M   'P 62 2 2'
#
loop_
_entity.id
_entity.type
_entity.pdbx_description
1 polymer 'Metallo-beta-lactamase L1'
2 non-polymer 'ZINC ION'
3 non-polymer 'SULFATE ION'
4 non-polymer N-[(BENZYLOXY)CARBONYL]-L-CYSTEINYLGLYCINE
5 non-polymer GLYCEROL
6 water water
#
_entity_poly.entity_id   1
_entity_poly.type   'polypeptide(L)'
_entity_poly.pdbx_seq_one_letter_code
;AEVPLPQLRAYTVDASWLQPMAPLQIADHTWQIGTEDLTALLVQTPDGAVLLDGGMPQMASHLLDNMKARGVTPRDLRLI
LLSHAHADHAGPVAELKRRTGAKVAANAESAVLLARGGSDDLHFGDGITYPPANADRIVMDGEVITVGGIVFTAHFMAGH
TPGSTAWTWTDTRNGKPVRIAYADSLSAPGYQLQGNPRYPHLIEDYRRSFATVRALPCDVLLTPHPGASNWDYAAGARAG
AKALTCKAYADAAEQKFDGQLAKETAGAR
;
_entity_poly.pdbx_strand_id   A,B
#
# COMPACT_ATOMS: atom_id res chain seq x y z
N GLU A 2 0.65 -26.60 16.15
CA GLU A 2 0.35 -25.15 15.93
C GLU A 2 1.26 -24.65 14.82
N VAL A 3 0.66 -24.31 13.70
CA VAL A 3 1.39 -23.76 12.56
C VAL A 3 0.76 -22.41 12.33
N PRO A 4 1.53 -21.33 12.44
CA PRO A 4 0.98 -20.00 12.23
C PRO A 4 0.81 -19.68 10.74
N LEU A 5 0.03 -18.65 10.46
CA LEU A 5 -0.07 -18.14 9.11
C LEU A 5 1.32 -17.66 8.70
N PRO A 6 1.63 -17.64 7.40
CA PRO A 6 2.96 -17.23 6.93
C PRO A 6 3.18 -15.76 7.18
N GLN A 7 4.44 -15.37 7.32
CA GLN A 7 4.80 -13.97 7.38
C GLN A 7 4.54 -13.32 6.02
N LEU A 8 4.31 -12.02 6.02
CA LEU A 8 4.31 -11.25 4.78
C LEU A 8 5.66 -11.45 4.09
N ARG A 9 5.60 -11.49 2.76
CA ARG A 9 6.77 -11.69 1.92
C ARG A 9 7.02 -10.40 1.16
N ALA A 10 8.20 -9.81 1.36
CA ALA A 10 8.58 -8.61 0.63
C ALA A 10 8.81 -8.91 -0.84
N TYR A 11 8.58 -7.91 -1.67
CA TYR A 11 8.90 -8.01 -3.08
C TYR A 11 10.43 -7.88 -3.23
N THR A 12 11.12 -9.01 -3.35
CA THR A 12 12.58 -9.01 -3.49
C THR A 12 12.99 -9.24 -4.93
N VAL A 13 14.06 -8.59 -5.35
CA VAL A 13 14.46 -8.52 -6.74
C VAL A 13 15.97 -8.75 -6.91
N ASP A 14 16.38 -9.00 -8.15
CA ASP A 14 17.79 -9.17 -8.46
C ASP A 14 18.56 -7.94 -8.02
N ALA A 15 19.76 -8.15 -7.50
CA ALA A 15 20.61 -7.05 -7.06
C ALA A 15 20.81 -5.97 -8.13
N SER A 16 20.95 -6.37 -9.39
CA SER A 16 21.20 -5.39 -10.47
C SER A 16 20.05 -4.37 -10.61
N TRP A 17 18.85 -4.78 -10.24
CA TRP A 17 17.69 -3.87 -10.26
C TRP A 17 17.82 -2.76 -9.22
N LEU A 18 18.61 -3.03 -8.18
CA LEU A 18 18.83 -2.09 -7.10
C LEU A 18 20.23 -1.45 -7.10
N GLN A 19 20.98 -1.64 -8.17
CA GLN A 19 22.34 -1.12 -8.22
C GLN A 19 22.42 0.29 -8.79
N PRO A 20 22.76 1.27 -7.95
CA PRO A 20 22.82 2.66 -8.42
C PRO A 20 23.82 2.86 -9.55
N MET A 21 23.46 3.74 -10.48
CA MET A 21 24.36 4.18 -11.54
C MET A 21 24.26 5.68 -11.65
N ALA A 22 25.34 6.29 -12.12
CA ALA A 22 25.34 7.70 -12.48
C ALA A 22 24.47 7.97 -13.71
N PRO A 23 24.07 9.22 -13.92
CA PRO A 23 23.25 9.53 -15.09
C PRO A 23 23.95 9.16 -16.41
N LEU A 24 23.19 8.52 -17.30
CA LEU A 24 23.64 8.07 -18.60
C LEU A 24 22.86 8.83 -19.66
N GLN A 25 23.57 9.61 -20.48
CA GLN A 25 22.87 10.43 -21.48
C GLN A 25 22.42 9.59 -22.68
N ILE A 26 21.15 9.74 -23.05
CA ILE A 26 20.54 9.07 -24.18
C ILE A 26 20.48 10.03 -25.39
N ALA A 27 20.07 11.25 -25.13
CA ALA A 27 20.01 12.29 -26.14
C ALA A 27 20.22 13.63 -25.45
N ASP A 28 20.13 14.72 -26.19
CA ASP A 28 20.52 16.02 -25.65
C ASP A 28 19.79 16.45 -24.36
N HIS A 29 18.53 16.06 -24.19
CA HIS A 29 17.75 16.41 -22.99
C HIS A 29 17.32 15.21 -22.14
N THR A 30 17.68 14.00 -22.54
CA THR A 30 17.17 12.75 -21.98
C THR A 30 18.26 11.89 -21.36
N TRP A 31 18.08 11.51 -20.09
CA TRP A 31 19.07 10.77 -19.32
C TRP A 31 18.45 9.57 -18.62
N GLN A 32 19.15 8.45 -18.58
CA GLN A 32 18.79 7.36 -17.67
C GLN A 32 19.38 7.69 -16.28
N ILE A 33 18.52 7.75 -15.25
CA ILE A 33 18.97 8.09 -13.89
C ILE A 33 18.61 7.07 -12.81
N GLY A 34 18.15 5.90 -13.23
CA GLY A 34 17.75 4.84 -12.34
C GLY A 34 18.90 3.94 -11.95
N THR A 35 18.63 2.65 -11.88
CA THR A 35 19.64 1.66 -11.54
C THR A 35 20.14 1.00 -12.81
N GLU A 36 21.15 -0.07 -12.61
CA GLU A 36 21.62 -0.71 -13.83
C GLU A 36 20.49 -1.41 -14.57
N ASP A 37 19.50 -1.96 -13.85
CA ASP A 37 18.47 -2.80 -14.47
C ASP A 37 17.03 -2.31 -14.32
N LEU A 38 16.81 -1.07 -13.88
CA LEU A 38 15.49 -0.46 -13.98
C LEU A 38 15.61 0.94 -14.54
N THR A 39 14.81 1.20 -15.56
CA THR A 39 14.81 2.50 -16.21
C THR A 39 14.09 3.53 -15.39
N ALA A 40 14.66 4.73 -15.32
CA ALA A 40 14.01 5.93 -14.83
C ALA A 40 14.56 7.09 -15.64
N LEU A 41 13.74 7.68 -16.50
CA LEU A 41 14.23 8.66 -17.46
C LEU A 41 13.96 10.07 -16.99
N LEU A 42 15.01 10.90 -16.99
CA LEU A 42 14.90 12.30 -16.75
C LEU A 42 15.01 13.08 -18.06
N VAL A 43 14.03 13.93 -18.33
CA VAL A 43 14.04 14.81 -19.49
C VAL A 43 14.13 16.23 -18.94
N GLN A 44 15.21 16.91 -19.27
CA GLN A 44 15.57 18.19 -18.68
C GLN A 44 15.38 19.27 -19.74
N THR A 45 14.60 20.31 -19.44
CA THR A 45 14.32 21.40 -20.38
C THR A 45 14.58 22.76 -19.74
N PRO A 46 14.55 23.84 -20.54
CA PRO A 46 14.63 25.19 -19.96
C PRO A 46 13.44 25.54 -19.12
N ASP A 47 12.35 24.76 -19.19
CA ASP A 47 11.18 25.07 -18.42
C ASP A 47 10.82 23.94 -17.44
N GLY A 48 11.83 23.25 -16.93
CA GLY A 48 11.64 22.26 -15.89
C GLY A 48 11.89 20.86 -16.42
N ALA A 49 11.71 19.88 -15.52
CA ALA A 49 12.06 18.51 -15.80
C ALA A 49 10.88 17.54 -15.63
N VAL A 50 11.00 16.43 -16.33
CA VAL A 50 10.04 15.33 -16.34
C VAL A 50 10.77 14.05 -15.97
N LEU A 51 10.13 13.22 -15.16
CA LEU A 51 10.61 11.90 -14.85
C LEU A 51 9.62 10.88 -15.42
N LEU A 52 10.12 9.93 -16.20
CA LEU A 52 9.33 8.82 -16.71
C LEU A 52 9.77 7.56 -15.96
N ASP A 53 8.90 7.10 -15.07
CA ASP A 53 9.15 6.01 -14.13
C ASP A 53 10.17 6.35 -13.03
N GLY A 54 10.08 5.65 -11.91
CA GLY A 54 11.07 5.78 -10.85
C GLY A 54 11.68 4.50 -10.32
N GLY A 55 11.23 3.36 -10.82
CA GLY A 55 11.76 2.08 -10.38
C GLY A 55 11.11 1.59 -9.11
N MET A 56 11.93 0.98 -8.27
CA MET A 56 11.47 0.38 -7.03
C MET A 56 11.27 1.45 -5.97
N PRO A 57 10.46 1.17 -4.81
CA PRO A 57 10.15 2.18 -3.77
C PRO A 57 11.40 2.76 -3.13
N GLN A 58 12.43 1.94 -2.96
CA GLN A 58 13.62 2.37 -2.23
C GLN A 58 14.61 3.17 -3.08
N MET A 59 14.25 3.47 -4.33
CA MET A 59 15.09 4.27 -5.24
C MET A 59 14.88 5.78 -5.14
N ALA A 60 13.94 6.24 -4.31
CA ALA A 60 13.58 7.64 -4.26
C ALA A 60 14.79 8.60 -4.03
N SER A 61 15.60 8.32 -3.02
CA SER A 61 16.71 9.20 -2.68
C SER A 61 17.78 9.19 -3.78
N HIS A 62 18.05 8.02 -4.34
CA HIS A 62 19.02 7.87 -5.43
C HIS A 62 18.57 8.70 -6.65
N LEU A 63 17.29 8.66 -7.00
CA LEU A 63 16.77 9.49 -8.10
C LEU A 63 17.02 10.98 -7.82
N LEU A 64 16.76 11.40 -6.59
CA LEU A 64 16.93 12.80 -6.23
C LEU A 64 18.40 13.22 -6.28
N ASP A 65 19.29 12.33 -5.88
CA ASP A 65 20.73 12.57 -5.96
C ASP A 65 21.17 12.72 -7.41
N ASN A 66 20.67 11.87 -8.29
CA ASN A 66 20.98 11.97 -9.71
C ASN A 66 20.40 13.23 -10.33
N MET A 67 19.19 13.60 -9.94
CA MET A 67 18.60 14.85 -10.38
C MET A 67 19.49 16.04 -10.01
N LYS A 68 19.95 16.08 -8.76
CA LYS A 68 20.81 17.17 -8.27
C LYS A 68 22.13 17.22 -9.05
N ALA A 69 22.70 16.06 -9.34
CA ALA A 69 23.91 15.96 -10.17
C ALA A 69 23.71 16.56 -11.56
N ARG A 70 22.48 16.45 -12.07
CA ARG A 70 22.11 17.03 -13.35
C ARG A 70 21.74 18.51 -13.28
N GLY A 71 21.58 19.04 -12.08
CA GLY A 71 21.21 20.44 -11.87
C GLY A 71 19.73 20.66 -11.67
N VAL A 72 18.98 19.56 -11.48
CA VAL A 72 17.53 19.58 -11.34
C VAL A 72 17.24 19.52 -9.84
N THR A 73 16.65 20.60 -9.33
CA THR A 73 16.27 20.69 -7.91
C THR A 73 14.87 20.09 -7.73
N PRO A 74 14.49 19.78 -6.49
CA PRO A 74 13.11 19.34 -6.21
C PRO A 74 11.99 20.22 -6.80
N ARG A 75 12.16 21.54 -6.80
CA ARG A 75 11.15 22.41 -7.38
C ARG A 75 11.13 22.32 -8.89
N ASP A 76 12.27 22.02 -9.52
CA ASP A 76 12.37 21.94 -10.97
C ASP A 76 11.62 20.74 -11.55
N LEU A 77 11.42 19.69 -10.76
CA LEU A 77 10.70 18.51 -11.27
C LEU A 77 9.18 18.78 -11.29
N ARG A 78 8.62 18.91 -12.50
CA ARG A 78 7.25 19.31 -12.70
C ARG A 78 6.28 18.14 -12.88
N LEU A 79 6.76 17.05 -13.45
CA LEU A 79 5.88 16.03 -13.96
C LEU A 79 6.51 14.65 -13.82
N ILE A 80 5.68 13.68 -13.43
CA ILE A 80 6.02 12.26 -13.44
C ILE A 80 5.04 11.57 -14.37
N LEU A 81 5.58 10.81 -15.32
CA LEU A 81 4.82 9.95 -16.22
C LEU A 81 5.19 8.52 -15.92
N LEU A 82 4.29 7.58 -16.22
CA LEU A 82 4.50 6.17 -15.96
C LEU A 82 4.26 5.28 -17.15
N SER A 83 5.10 4.26 -17.27
CA SER A 83 4.86 3.18 -18.21
C SER A 83 3.68 2.33 -17.73
N HIS A 84 3.82 1.77 -16.53
CA HIS A 84 2.69 1.12 -15.85
C HIS A 84 2.90 1.14 -14.34
N ALA A 85 1.83 0.99 -13.57
CA ALA A 85 1.85 1.22 -12.15
C ALA A 85 2.11 -0.04 -11.31
N HIS A 86 3.13 -0.80 -11.70
CA HIS A 86 3.65 -1.88 -10.85
C HIS A 86 4.74 -1.35 -9.93
N ALA A 87 4.96 -2.05 -8.82
CA ALA A 87 5.89 -1.61 -7.76
C ALA A 87 7.32 -1.34 -8.22
N ASP A 88 7.78 -2.09 -9.22
CA ASP A 88 9.12 -1.93 -9.76
C ASP A 88 9.28 -0.81 -10.79
N HIS A 89 8.22 -0.06 -11.08
CA HIS A 89 8.32 1.13 -11.95
C HIS A 89 7.75 2.40 -11.33
N ALA A 90 6.66 2.25 -10.57
CA ALA A 90 6.00 3.34 -9.88
C ALA A 90 6.29 3.34 -8.38
N GLY A 91 7.16 2.44 -7.91
CA GLY A 91 7.46 2.30 -6.51
C GLY A 91 7.62 3.56 -5.67
N PRO A 92 8.47 4.49 -6.12
CA PRO A 92 8.77 5.68 -5.31
C PRO A 92 7.92 6.90 -5.61
N VAL A 93 6.85 6.77 -6.38
CA VAL A 93 6.09 7.92 -6.83
C VAL A 93 5.51 8.72 -5.66
N ALA A 94 4.92 8.03 -4.67
CA ALA A 94 4.35 8.76 -3.53
C ALA A 94 5.39 9.62 -2.83
N GLU A 95 6.54 9.01 -2.56
CA GLU A 95 7.64 9.69 -1.88
C GLU A 95 8.17 10.87 -2.69
N LEU A 96 8.33 10.66 -4.00
CA LEU A 96 8.77 11.76 -4.88
C LEU A 96 7.79 12.92 -4.86
N LYS A 97 6.48 12.62 -4.87
CA LYS A 97 5.50 13.70 -4.80
C LYS A 97 5.65 14.48 -3.49
N ARG A 98 5.93 13.80 -2.38
CA ARG A 98 6.10 14.47 -1.10
C ARG A 98 7.35 15.33 -1.06
N ARG A 99 8.38 14.94 -1.78
CA ARG A 99 9.71 15.58 -1.65
C ARG A 99 10.06 16.55 -2.79
N THR A 100 9.16 16.71 -3.76
CA THR A 100 9.38 17.57 -4.94
C THR A 100 8.12 18.28 -5.37
N GLY A 101 8.23 19.12 -6.39
CA GLY A 101 7.06 19.76 -6.96
C GLY A 101 6.28 18.92 -7.95
N ALA A 102 6.67 17.67 -8.11
CA ALA A 102 6.15 16.87 -9.23
C ALA A 102 4.70 16.54 -9.08
N LYS A 103 3.99 16.66 -10.18
CA LYS A 103 2.63 16.17 -10.32
C LYS A 103 2.61 14.99 -11.29
N VAL A 104 1.66 14.09 -11.07
CA VAL A 104 1.56 12.85 -11.86
C VAL A 104 0.46 12.99 -12.93
N ALA A 105 0.80 12.66 -14.17
CA ALA A 105 -0.21 12.52 -15.22
C ALA A 105 -0.23 11.05 -15.61
N ALA A 106 -1.42 10.45 -15.65
CA ALA A 106 -1.59 9.06 -16.01
C ALA A 106 -3.00 8.80 -16.56
N ASN A 107 -3.15 7.68 -17.28
CA ASN A 107 -4.45 7.31 -17.78
C ASN A 107 -5.30 6.80 -16.60
N ALA A 108 -6.59 6.64 -16.84
CA ALA A 108 -7.49 6.29 -15.75
C ALA A 108 -7.13 4.93 -15.14
N GLU A 109 -6.75 3.96 -15.99
CA GLU A 109 -6.39 2.63 -15.46
C GLU A 109 -5.14 2.69 -14.57
N SER A 110 -4.11 3.38 -15.02
CA SER A 110 -2.89 3.53 -14.23
C SER A 110 -3.13 4.32 -12.95
N ALA A 111 -3.96 5.34 -13.03
CA ALA A 111 -4.30 6.15 -11.86
C ALA A 111 -5.01 5.32 -10.80
N VAL A 112 -5.95 4.48 -11.23
CA VAL A 112 -6.67 3.66 -10.25
C VAL A 112 -5.72 2.65 -9.59
N LEU A 113 -4.82 2.04 -10.34
CA LEU A 113 -3.89 1.04 -9.79
C LEU A 113 -2.87 1.71 -8.88
N LEU A 114 -2.37 2.87 -9.28
CA LEU A 114 -1.46 3.66 -8.46
C LEU A 114 -2.12 4.08 -7.13
N ALA A 115 -3.39 4.47 -7.20
CA ALA A 115 -4.15 4.89 -6.00
C ALA A 115 -4.38 3.74 -5.02
N ARG A 116 -4.36 2.50 -5.52
CA ARG A 116 -4.42 1.27 -4.71
C ARG A 116 -3.03 0.78 -4.26
N GLY A 117 -1.97 1.49 -4.60
CA GLY A 117 -0.63 1.01 -4.31
C GLY A 117 -0.32 -0.36 -4.94
N GLY A 118 -0.94 -0.64 -6.09
CA GLY A 118 -0.73 -1.90 -6.80
C GLY A 118 -1.40 -3.11 -6.17
N SER A 119 -2.20 -2.89 -5.13
CA SER A 119 -3.00 -3.96 -4.53
C SER A 119 -4.14 -4.40 -5.45
N ASP A 120 -4.67 -5.59 -5.17
CA ASP A 120 -5.70 -6.22 -5.99
C ASP A 120 -5.33 -6.20 -7.47
N ASP A 121 -4.08 -6.54 -7.75
CA ASP A 121 -3.59 -6.64 -9.12
C ASP A 121 -4.35 -7.75 -9.81
N LEU A 122 -4.64 -7.58 -11.10
CA LEU A 122 -5.46 -8.57 -11.82
C LEU A 122 -4.83 -9.98 -11.79
N HIS A 123 -3.50 -10.03 -11.76
CA HIS A 123 -2.75 -11.27 -11.82
C HIS A 123 -1.98 -11.60 -10.54
N PHE A 124 -1.49 -10.59 -9.83
CA PHE A 124 -0.59 -10.82 -8.69
C PHE A 124 -1.28 -10.64 -7.35
N GLY A 125 -2.55 -10.26 -7.36
CA GLY A 125 -3.34 -10.00 -6.18
C GLY A 125 -2.75 -8.86 -5.35
N ASP A 126 -2.24 -9.24 -3.90
CA ASP A 126 -1.50 -8.27 -3.09
C ASP A 126 -0.04 -8.59 -2.99
N GLY A 127 0.48 -9.38 -3.91
CA GLY A 127 1.88 -9.82 -3.85
C GLY A 127 2.92 -8.71 -3.98
N ILE A 128 2.61 -7.68 -4.78
CA ILE A 128 3.56 -6.61 -5.03
C ILE A 128 2.90 -5.23 -4.79
N THR A 129 2.61 -4.92 -3.53
CA THR A 129 2.03 -3.63 -3.16
C THR A 129 3.14 -2.61 -2.86
N TYR A 130 2.81 -1.32 -2.95
CA TYR A 130 3.76 -0.25 -2.71
C TYR A 130 2.96 0.96 -2.23
N PRO A 131 3.60 2.03 -1.73
CA PRO A 131 2.84 3.19 -1.23
C PRO A 131 1.93 3.84 -2.30
N PRO A 132 0.64 4.00 -2.02
CA PRO A 132 -0.27 4.55 -3.02
C PRO A 132 0.05 6.02 -3.27
N ALA A 133 -0.40 6.48 -4.52
CA ALA A 133 -0.25 7.88 -4.89
C ALA A 133 -1.42 8.26 -5.73
N ASN A 134 -1.74 9.55 -5.74
CA ASN A 134 -2.83 10.05 -6.54
C ASN A 134 -2.30 10.71 -7.82
N ALA A 135 -3.01 10.50 -8.91
CA ALA A 135 -2.74 11.24 -10.14
C ALA A 135 -3.34 12.65 -10.04
N ASP A 136 -2.66 13.61 -10.65
CA ASP A 136 -3.09 15.01 -10.68
C ASP A 136 -3.78 15.35 -11.99
N ARG A 137 -3.53 14.55 -13.02
CA ARG A 137 -4.09 14.78 -14.34
C ARG A 137 -4.33 13.44 -15.00
N ILE A 138 -5.51 13.29 -15.60
CA ILE A 138 -5.85 12.06 -16.30
C ILE A 138 -5.64 12.30 -17.80
N VAL A 139 -4.92 11.40 -18.45
CA VAL A 139 -4.69 11.51 -19.90
C VAL A 139 -5.44 10.46 -20.71
N MET A 140 -5.85 10.87 -21.90
CA MET A 140 -6.54 10.03 -22.85
C MET A 140 -5.56 9.55 -23.91
N ASP A 141 -5.96 8.51 -24.64
CA ASP A 141 -5.07 7.91 -25.63
C ASP A 141 -4.78 8.97 -26.72
N GLY A 142 -3.49 9.13 -27.02
CA GLY A 142 -3.05 10.09 -28.01
C GLY A 142 -2.91 11.51 -27.50
N GLU A 143 -3.20 11.73 -26.22
CA GLU A 143 -3.08 13.07 -25.64
C GLU A 143 -1.61 13.44 -25.51
N VAL A 144 -1.33 14.71 -25.75
CA VAL A 144 0.01 15.25 -25.66
C VAL A 144 0.15 16.10 -24.42
N ILE A 145 1.32 16.03 -23.81
CA ILE A 145 1.71 16.93 -22.72
C ILE A 145 3.08 17.51 -23.08
N THR A 146 3.20 18.82 -22.96
CA THR A 146 4.39 19.55 -23.38
C THR A 146 5.04 20.21 -22.19
N VAL A 147 6.34 19.98 -22.02
CA VAL A 147 7.17 20.61 -21.01
C VAL A 147 8.43 21.14 -21.69
N GLY A 148 8.61 22.46 -21.64
CA GLY A 148 9.79 23.09 -22.20
C GLY A 148 10.03 22.71 -23.64
N GLY A 149 8.95 22.64 -24.41
CA GLY A 149 9.04 22.27 -25.80
C GLY A 149 9.28 20.81 -26.12
N ILE A 150 9.42 19.93 -25.12
CA ILE A 150 9.45 18.50 -25.41
C ILE A 150 8.00 18.05 -25.33
N VAL A 151 7.51 17.49 -26.44
CA VAL A 151 6.12 17.06 -26.56
C VAL A 151 6.05 15.55 -26.34
N PHE A 152 5.38 15.14 -25.28
CA PHE A 152 5.17 13.73 -24.95
C PHE A 152 3.79 13.29 -25.42
N THR A 153 3.73 12.23 -26.21
CA THR A 153 2.46 11.66 -26.67
C THR A 153 2.24 10.30 -26.01
N ALA A 154 1.05 10.10 -25.48
CA ALA A 154 0.62 8.84 -24.89
C ALA A 154 0.07 7.91 -25.95
N HIS A 155 0.57 6.67 -25.98
CA HIS A 155 0.05 5.61 -26.81
C HIS A 155 -0.36 4.46 -25.92
N PHE A 156 -1.67 4.25 -25.72
CA PHE A 156 -2.11 3.18 -24.87
C PHE A 156 -1.74 1.86 -25.53
N MET A 157 -1.20 0.90 -24.63
CA MET A 157 -0.83 -0.43 -25.08
C MET A 157 -1.14 -1.42 -23.97
N ALA A 158 -2.44 -1.49 -23.69
CA ALA A 158 -3.01 -2.38 -22.67
C ALA A 158 -2.61 -3.83 -22.84
N GLY A 159 -2.33 -4.48 -21.71
CA GLY A 159 -2.05 -5.90 -21.69
C GLY A 159 -1.27 -6.27 -20.45
N HIS A 160 -0.01 -5.88 -20.40
CA HIS A 160 0.80 -6.11 -19.22
C HIS A 160 0.07 -5.57 -17.99
N THR A 161 -0.45 -4.36 -18.10
CA THR A 161 -1.50 -3.90 -17.21
C THR A 161 -2.56 -3.26 -18.08
N PRO A 162 -3.79 -3.14 -17.59
CA PRO A 162 -4.81 -2.38 -18.32
C PRO A 162 -4.35 -0.98 -18.79
N GLY A 163 -3.61 -0.26 -17.95
CA GLY A 163 -3.17 1.09 -18.22
C GLY A 163 -1.79 1.25 -18.83
N SER A 164 -1.19 0.15 -19.29
CA SER A 164 0.14 0.21 -19.88
C SER A 164 0.17 1.24 -21.03
N THR A 165 1.19 2.08 -21.04
CA THR A 165 1.33 3.17 -21.98
C THR A 165 2.75 3.21 -22.56
N ALA A 166 2.85 3.53 -23.85
CA ALA A 166 4.12 3.96 -24.45
C ALA A 166 4.10 5.48 -24.52
N TRP A 167 5.21 6.11 -24.17
CA TRP A 167 5.34 7.54 -24.28
C TRP A 167 6.38 7.83 -25.39
N THR A 168 6.05 8.72 -26.32
CA THR A 168 7.01 9.09 -27.33
C THR A 168 7.28 10.58 -27.32
N TRP A 169 8.52 10.93 -27.65
CA TRP A 169 8.90 12.33 -27.81
C TRP A 169 10.08 12.47 -28.74
N THR A 170 10.32 13.70 -29.17
CA THR A 170 11.43 13.95 -30.07
C THR A 170 12.48 14.80 -29.37
N ASP A 171 13.70 14.29 -29.28
CA ASP A 171 14.84 15.01 -28.72
C ASP A 171 15.80 15.24 -29.90
N THR A 172 17.03 15.64 -29.61
CA THR A 172 18.06 15.81 -30.64
C THR A 172 19.37 15.18 -30.19
N ARG A 173 20.24 14.91 -31.16
CA ARG A 173 21.59 14.41 -30.94
C ARG A 173 22.31 14.83 -32.23
N ASN A 174 23.23 15.79 -32.09
CA ASN A 174 23.93 16.42 -33.24
C ASN A 174 23.10 17.33 -34.14
N GLY A 175 22.23 18.10 -33.53
CA GLY A 175 21.35 18.97 -34.28
C GLY A 175 20.31 18.21 -35.09
N LYS A 176 20.35 16.87 -35.00
CA LYS A 176 19.40 15.99 -35.69
C LYS A 176 18.35 15.43 -34.75
N PRO A 177 17.10 15.35 -35.21
CA PRO A 177 16.03 14.78 -34.40
C PRO A 177 16.26 13.32 -34.08
N VAL A 178 15.90 12.94 -32.86
CA VAL A 178 15.89 11.56 -32.40
C VAL A 178 14.51 11.31 -31.81
N ARG A 179 13.71 10.51 -32.49
CA ARG A 179 12.39 10.11 -32.03
C ARG A 179 12.54 8.97 -31.02
N ILE A 180 12.33 9.27 -29.74
CA ILE A 180 12.47 8.30 -28.65
C ILE A 180 11.12 7.66 -28.37
N ALA A 181 11.11 6.34 -28.26
CA ALA A 181 9.89 5.60 -27.87
C ALA A 181 10.22 4.87 -26.59
N TYR A 182 9.55 5.24 -25.49
CA TYR A 182 9.66 4.52 -24.23
C TYR A 182 8.45 3.58 -24.20
N ALA A 183 8.65 2.36 -24.63
CA ALA A 183 7.53 1.40 -24.81
C ALA A 183 7.44 0.53 -23.58
N ASP A 184 6.23 0.34 -23.09
CA ASP A 184 6.03 -0.49 -21.90
C ASP A 184 6.24 -1.96 -22.20
N SER A 185 6.34 -2.72 -21.10
CA SER A 185 6.40 -4.15 -21.12
C SER A 185 5.29 -4.78 -21.95
N LEU A 186 5.68 -5.81 -22.70
CA LEU A 186 4.75 -6.61 -23.48
C LEU A 186 4.78 -8.05 -23.00
N SER A 187 5.27 -8.29 -21.75
CA SER A 187 5.38 -9.60 -21.12
C SER A 187 4.09 -9.88 -20.36
N ALA A 188 3.88 -11.15 -20.03
CA ALA A 188 2.75 -11.56 -19.21
C ALA A 188 3.24 -12.60 -18.19
N PRO A 189 4.07 -12.16 -17.24
CA PRO A 189 4.81 -13.08 -16.37
C PRO A 189 3.91 -13.81 -15.38
N GLY A 190 3.67 -15.08 -15.66
CA GLY A 190 2.81 -15.92 -14.85
C GLY A 190 1.31 -15.67 -15.00
N TYR A 191 0.92 -14.88 -16.01
CA TYR A 191 -0.49 -14.52 -16.18
C TYR A 191 -1.28 -15.69 -16.73
N GLN A 192 -2.52 -15.84 -16.29
CA GLN A 192 -3.52 -16.60 -17.04
C GLN A 192 -4.01 -15.72 -18.20
N LEU A 193 -3.73 -16.15 -19.41
CA LEU A 193 -4.04 -15.37 -20.62
C LEU A 193 -5.46 -15.65 -21.14
N GLN A 194 -5.84 -16.91 -21.17
CA GLN A 194 -7.09 -17.36 -21.79
C GLN A 194 -8.25 -17.49 -20.78
N GLY A 195 -9.40 -16.93 -21.12
CA GLY A 195 -10.60 -17.02 -20.29
C GLY A 195 -10.41 -16.48 -18.87
N ASN A 196 -9.67 -15.40 -18.72
CA ASN A 196 -9.38 -14.84 -17.41
C ASN A 196 -10.57 -13.94 -17.04
N PRO A 197 -11.33 -14.26 -16.00
CA PRO A 197 -12.54 -13.47 -15.71
C PRO A 197 -12.29 -12.01 -15.34
N ARG A 198 -11.12 -11.72 -14.78
CA ARG A 198 -10.74 -10.35 -14.46
C ARG A 198 -10.21 -9.57 -15.68
N TYR A 199 -9.93 -10.25 -16.79
CA TYR A 199 -9.49 -9.57 -18.01
C TYR A 199 -9.92 -10.32 -19.26
N PRO A 200 -11.21 -10.30 -19.54
CA PRO A 200 -11.76 -11.17 -20.59
C PRO A 200 -11.15 -10.96 -21.96
N HIS A 201 -10.76 -9.74 -22.33
CA HIS A 201 -10.24 -9.48 -23.67
C HIS A 201 -8.72 -9.29 -23.65
N LEU A 202 -8.05 -9.90 -22.68
CA LEU A 202 -6.61 -9.79 -22.55
C LEU A 202 -5.88 -10.10 -23.84
N ILE A 203 -6.23 -11.20 -24.51
CA ILE A 203 -5.46 -11.61 -25.69
C ILE A 203 -5.58 -10.59 -26.81
N GLU A 204 -6.81 -10.12 -27.08
CA GLU A 204 -7.00 -9.14 -28.13
C GLU A 204 -6.32 -7.79 -27.80
N ASP A 205 -6.29 -7.40 -26.53
CA ASP A 205 -5.57 -6.20 -26.15
C ASP A 205 -4.06 -6.35 -26.40
N TYR A 206 -3.47 -7.48 -25.99
CA TYR A 206 -2.06 -7.72 -26.31
C TYR A 206 -1.80 -7.69 -27.82
N ARG A 207 -2.65 -8.30 -28.63
CA ARG A 207 -2.43 -8.26 -30.08
C ARG A 207 -2.46 -6.84 -30.67
N ARG A 208 -3.39 -6.04 -30.20
CA ARG A 208 -3.48 -4.65 -30.60
C ARG A 208 -2.24 -3.87 -30.14
N SER A 209 -1.75 -4.19 -28.94
CA SER A 209 -0.57 -3.54 -28.37
C SER A 209 0.72 -3.91 -29.14
N PHE A 210 0.83 -5.16 -29.60
CA PHE A 210 1.99 -5.49 -30.47
C PHE A 210 2.00 -4.56 -31.73
N ALA A 211 0.82 -4.36 -32.31
CA ALA A 211 0.70 -3.53 -33.52
C ALA A 211 1.00 -2.07 -33.25
N THR A 212 0.56 -1.60 -32.10
CA THR A 212 0.81 -0.22 -31.68
C THR A 212 2.30 0.00 -31.51
N VAL A 213 2.94 -0.92 -30.80
CA VAL A 213 4.39 -0.80 -30.57
C VAL A 213 5.19 -0.86 -31.90
N ARG A 214 4.80 -1.76 -32.78
CA ARG A 214 5.44 -1.94 -34.10
C ARG A 214 5.44 -0.64 -34.88
N ALA A 215 4.37 0.13 -34.75
CA ALA A 215 4.15 1.33 -35.56
C ALA A 215 4.62 2.63 -34.91
N LEU A 216 5.19 2.60 -33.70
CA LEU A 216 5.57 3.85 -33.02
C LEU A 216 6.67 4.61 -33.77
N PRO A 217 6.68 5.95 -33.69
CA PRO A 217 7.84 6.70 -34.18
C PRO A 217 9.02 6.35 -33.27
N CYS A 218 10.11 5.83 -33.84
CA CYS A 218 11.03 5.04 -33.03
C CYS A 218 12.47 4.96 -33.58
N ASP A 219 13.18 6.08 -33.55
CA ASP A 219 14.63 6.06 -33.82
C ASP A 219 15.38 5.33 -32.71
N VAL A 220 14.95 5.49 -31.46
CA VAL A 220 15.56 4.81 -30.32
C VAL A 220 14.43 4.26 -29.42
N LEU A 221 14.47 2.96 -29.18
CA LEU A 221 13.57 2.29 -28.23
C LEU A 221 14.22 2.19 -26.88
N LEU A 222 13.49 2.55 -25.82
CA LEU A 222 13.83 2.29 -24.43
C LEU A 222 12.66 1.53 -23.77
N THR A 223 12.97 0.68 -22.78
CA THR A 223 11.96 -0.11 -22.07
C THR A 223 12.17 -0.08 -20.57
N PRO A 224 11.09 -0.21 -19.78
CA PRO A 224 11.22 -0.16 -18.32
C PRO A 224 12.24 -1.16 -17.77
N HIS A 225 12.21 -2.40 -18.23
CA HIS A 225 13.29 -3.34 -17.99
C HIS A 225 14.18 -3.22 -19.22
N PRO A 226 15.37 -2.65 -19.07
CA PRO A 226 16.21 -2.37 -20.25
C PRO A 226 16.59 -3.58 -21.07
N GLY A 227 16.68 -4.74 -20.43
CA GLY A 227 17.02 -5.98 -21.13
C GLY A 227 16.00 -6.35 -22.20
N ALA A 228 14.76 -5.92 -22.03
CA ALA A 228 13.71 -6.24 -22.97
C ALA A 228 13.97 -5.66 -24.35
N SER A 229 14.68 -4.54 -24.39
CA SER A 229 15.05 -3.85 -25.63
C SER A 229 16.55 -3.96 -25.92
N ASN A 230 17.23 -4.83 -25.18
CA ASN A 230 18.67 -5.10 -25.37
C ASN A 230 19.57 -3.93 -25.03
N TRP A 231 19.11 -3.07 -24.12
CA TRP A 231 19.96 -2.06 -23.54
C TRP A 231 20.81 -2.69 -22.44
N ASP A 232 22.03 -2.18 -22.28
CA ASP A 232 22.90 -2.54 -21.16
C ASP A 232 23.44 -1.27 -20.53
N TYR A 233 22.75 -0.77 -19.51
CA TYR A 233 23.11 0.51 -18.93
C TYR A 233 24.50 0.52 -18.29
N ALA A 234 25.00 -0.64 -17.92
CA ALA A 234 26.35 -0.73 -17.33
C ALA A 234 27.49 -0.72 -18.38
N ALA A 235 27.15 -0.72 -19.67
CA ALA A 235 28.13 -0.78 -20.76
C ALA A 235 28.59 0.59 -21.30
N GLY A 236 28.29 1.66 -20.55
CA GLY A 236 28.78 2.99 -20.85
C GLY A 236 28.52 3.43 -22.28
N ALA A 237 29.61 3.64 -23.03
CA ALA A 237 29.54 4.24 -24.35
C ALA A 237 28.81 3.38 -25.39
N ARG A 238 28.69 2.10 -25.12
CA ARG A 238 27.97 1.17 -25.99
C ARG A 238 26.70 0.65 -25.31
N ALA A 239 26.14 1.44 -24.20
CA ALA A 239 24.92 0.98 -23.52
C ALA A 239 23.78 0.67 -24.51
N GLY A 240 23.58 1.51 -25.50
CA GLY A 240 22.43 1.40 -26.39
C GLY A 240 22.76 0.81 -27.74
N ALA A 241 23.98 0.32 -27.88
CA ALA A 241 24.47 -0.10 -29.20
C ALA A 241 23.61 -1.23 -29.79
N LYS A 242 23.26 -2.21 -28.97
CA LYS A 242 22.53 -3.40 -29.40
C LYS A 242 21.00 -3.26 -29.31
N ALA A 243 20.52 -2.07 -29.00
CA ALA A 243 19.09 -1.89 -28.77
C ALA A 243 18.27 -2.35 -29.99
N LEU A 244 17.19 -3.06 -29.68
CA LEU A 244 16.19 -3.42 -30.67
C LEU A 244 15.46 -2.19 -31.26
N THR A 245 14.94 -2.35 -32.47
CA THR A 245 13.93 -1.47 -33.00
C THR A 245 12.60 -1.77 -32.30
N CYS A 246 11.65 -0.84 -32.36
CA CYS A 246 10.28 -1.11 -31.87
C CYS A 246 9.68 -2.31 -32.60
N LYS A 247 9.92 -2.39 -33.91
CA LYS A 247 9.41 -3.50 -34.74
C LYS A 247 9.89 -4.86 -34.23
N ALA A 248 11.17 -4.92 -33.89
CA ALA A 248 11.80 -6.16 -33.46
C ALA A 248 11.35 -6.51 -32.05
N TYR A 249 11.21 -5.51 -31.20
CA TYR A 249 10.70 -5.71 -29.85
C TYR A 249 9.28 -6.29 -29.88
N ALA A 250 8.42 -5.70 -30.71
CA ALA A 250 7.04 -6.16 -30.87
C ALA A 250 6.99 -7.59 -31.41
N ASP A 251 7.83 -7.86 -32.40
CA ASP A 251 7.89 -9.21 -32.96
C ASP A 251 8.34 -10.26 -31.96
N ALA A 252 9.38 -9.98 -31.20
CA ALA A 252 9.88 -10.92 -30.21
C ALA A 252 8.83 -11.18 -29.13
N ALA A 253 8.15 -10.12 -28.72
CA ALA A 253 7.11 -10.20 -27.69
C ALA A 253 5.93 -11.04 -28.15
N GLU A 254 5.51 -10.86 -29.40
CA GLU A 254 4.42 -11.63 -29.96
C GLU A 254 4.79 -13.10 -30.07
N GLN A 255 6.01 -13.39 -30.50
CA GLN A 255 6.46 -14.77 -30.63
C GLN A 255 6.46 -15.43 -29.26
N LYS A 256 6.93 -14.71 -28.24
CA LYS A 256 6.96 -15.21 -26.87
C LYS A 256 5.55 -15.46 -26.34
N PHE A 257 4.66 -14.49 -26.63
CA PHE A 257 3.27 -14.54 -26.21
C PHE A 257 2.55 -15.74 -26.83
N ASP A 258 2.80 -16.00 -28.10
CA ASP A 258 2.20 -17.15 -28.79
C ASP A 258 2.70 -18.46 -28.18
N GLY A 259 3.97 -18.48 -27.80
CA GLY A 259 4.59 -19.63 -27.12
C GLY A 259 3.96 -19.87 -25.76
N GLN A 260 3.73 -18.79 -25.01
CA GLN A 260 3.10 -18.86 -23.70
C GLN A 260 1.66 -19.34 -23.80
N LEU A 261 0.93 -18.89 -24.82
CA LEU A 261 -0.44 -19.37 -25.04
C LEU A 261 -0.46 -20.88 -25.24
N ALA A 262 0.46 -21.38 -26.06
CA ALA A 262 0.51 -22.82 -26.32
C ALA A 262 0.86 -23.58 -25.03
N LYS A 263 1.80 -23.06 -24.25
CA LYS A 263 2.16 -23.68 -22.96
C LYS A 263 1.00 -23.67 -21.96
N GLU A 264 0.21 -22.60 -22.00
CA GLU A 264 -0.95 -22.50 -21.12
C GLU A 264 -2.02 -23.54 -21.48
N THR A 265 -2.27 -23.68 -22.77
CA THR A 265 -3.23 -24.70 -23.27
C THR A 265 -2.75 -26.11 -22.89
N ALA A 266 -1.44 -26.34 -22.97
CA ALA A 266 -0.87 -27.64 -22.57
C ALA A 266 -0.87 -27.88 -21.05
N GLY A 267 -0.91 -26.80 -20.27
CA GLY A 267 -0.79 -26.89 -18.82
C GLY A 267 -2.14 -26.94 -18.13
N GLU B 2 30.52 -3.09 -5.70
CA GLU B 2 29.22 -2.36 -5.84
C GLU B 2 28.24 -2.80 -4.75
N VAL B 3 27.63 -1.85 -4.06
CA VAL B 3 26.69 -2.14 -2.97
C VAL B 3 25.33 -1.68 -3.46
N PRO B 4 24.39 -2.59 -3.64
CA PRO B 4 23.07 -2.17 -4.12
C PRO B 4 22.25 -1.58 -2.99
N LEU B 5 21.20 -0.88 -3.36
CA LEU B 5 20.20 -0.46 -2.38
C LEU B 5 19.64 -1.71 -1.68
N PRO B 6 19.16 -1.54 -0.44
CA PRO B 6 18.64 -2.68 0.33
C PRO B 6 17.33 -3.19 -0.25
N GLN B 7 17.06 -4.47 -0.04
CA GLN B 7 15.80 -5.07 -0.43
C GLN B 7 14.71 -4.47 0.46
N LEU B 8 13.48 -4.42 -0.04
CA LEU B 8 12.33 -4.14 0.81
C LEU B 8 12.26 -5.19 1.92
N ARG B 9 11.91 -4.75 3.13
CA ARG B 9 11.76 -5.64 4.28
C ARG B 9 10.28 -5.72 4.60
N ALA B 10 9.80 -6.94 4.75
CA ALA B 10 8.42 -7.16 5.10
C ALA B 10 8.24 -6.90 6.58
N TYR B 11 7.02 -6.52 6.95
CA TYR B 11 6.63 -6.34 8.33
C TYR B 11 6.45 -7.73 8.91
N THR B 12 7.46 -8.23 9.60
CA THR B 12 7.41 -9.55 10.22
C THR B 12 7.11 -9.39 11.71
N VAL B 13 6.38 -10.36 12.25
CA VAL B 13 5.84 -10.28 13.61
C VAL B 13 6.00 -11.61 14.34
N ASP B 14 5.79 -11.59 15.66
CA ASP B 14 5.90 -12.80 16.46
C ASP B 14 4.92 -13.83 15.96
N ALA B 15 5.32 -15.09 16.00
CA ALA B 15 4.46 -16.18 15.55
C ALA B 15 3.06 -16.16 16.19
N SER B 16 2.99 -15.80 17.48
CA SER B 16 1.70 -15.84 18.19
C SER B 16 0.71 -14.86 17.59
N TRP B 17 1.23 -13.78 17.01
CA TRP B 17 0.37 -12.78 16.35
C TRP B 17 -0.34 -13.36 15.13
N LEU B 18 0.27 -14.39 14.54
CA LEU B 18 -0.25 -15.06 13.35
C LEU B 18 -0.83 -16.46 13.61
N GLN B 19 -1.03 -16.80 14.87
CA GLN B 19 -1.51 -18.15 15.25
C GLN B 19 -3.02 -18.22 15.31
N PRO B 20 -3.65 -18.90 14.36
CA PRO B 20 -5.11 -18.98 14.33
C PRO B 20 -5.67 -19.58 15.61
N MET B 21 -6.83 -19.10 16.00
CA MET B 21 -7.61 -19.67 17.07
C MET B 21 -9.05 -19.76 16.68
N ALA B 22 -9.77 -20.68 17.30
CA ALA B 22 -11.19 -20.81 17.11
C ALA B 22 -11.90 -19.66 17.83
N PRO B 23 -13.15 -19.37 17.47
CA PRO B 23 -13.90 -18.29 18.12
C PRO B 23 -13.99 -18.47 19.63
N LEU B 24 -13.74 -17.40 20.35
CA LEU B 24 -13.79 -17.35 21.81
C LEU B 24 -14.84 -16.37 22.25
N GLN B 25 -15.85 -16.87 22.95
CA GLN B 25 -16.97 -16.05 23.33
C GLN B 25 -16.61 -15.13 24.51
N ILE B 26 -16.96 -13.85 24.37
CA ILE B 26 -16.74 -12.83 25.38
C ILE B 26 -18.04 -12.49 26.07
N ALA B 27 -19.08 -12.29 25.29
CA ALA B 27 -20.43 -12.10 25.80
C ALA B 27 -21.49 -12.71 24.84
N ASP B 28 -22.76 -12.48 25.09
CA ASP B 28 -23.81 -13.21 24.35
C ASP B 28 -23.69 -13.06 22.81
N HIS B 29 -23.26 -11.88 22.35
CA HIS B 29 -23.15 -11.56 20.92
C HIS B 29 -21.76 -11.23 20.43
N THR B 30 -20.77 -11.30 21.31
CA THR B 30 -19.42 -10.83 21.07
C THR B 30 -18.40 -11.93 21.19
N TRP B 31 -17.60 -12.12 20.14
CA TRP B 31 -16.59 -13.15 20.02
C TRP B 31 -15.24 -12.60 19.59
N GLN B 32 -14.17 -13.10 20.18
CA GLN B 32 -12.83 -12.94 19.59
C GLN B 32 -12.67 -13.97 18.47
N ILE B 33 -12.33 -13.54 17.23
CA ILE B 33 -12.16 -14.46 16.10
C ILE B 33 -10.81 -14.27 15.37
N GLY B 34 -9.87 -13.54 15.98
CA GLY B 34 -8.57 -13.33 15.39
C GLY B 34 -7.57 -14.45 15.66
N THR B 35 -6.39 -14.04 16.04
CA THR B 35 -5.32 -14.95 16.35
C THR B 35 -5.09 -14.94 17.85
N GLU B 36 -4.00 -15.79 18.33
CA GLU B 36 -3.82 -15.78 19.78
C GLU B 36 -3.39 -14.41 20.29
N ASP B 37 -2.63 -13.65 19.49
CA ASP B 37 -2.10 -12.38 19.99
C ASP B 37 -2.54 -11.13 19.20
N LEU B 38 -3.58 -11.25 18.38
CA LEU B 38 -4.21 -10.06 17.80
C LEU B 38 -5.72 -10.19 17.84
N THR B 39 -6.35 -9.18 18.40
CA THR B 39 -7.79 -9.12 18.57
C THR B 39 -8.50 -8.80 17.24
N ALA B 40 -9.59 -9.51 16.98
CA ALA B 40 -10.57 -9.14 15.94
C ALA B 40 -11.91 -9.58 16.48
N LEU B 41 -12.76 -8.62 16.81
CA LEU B 41 -14.00 -8.88 17.52
C LEU B 41 -15.18 -8.95 16.58
N LEU B 42 -15.94 -10.03 16.66
CA LEU B 42 -17.18 -10.18 15.91
C LEU B 42 -18.36 -9.94 16.83
N VAL B 43 -19.23 -9.02 16.46
CA VAL B 43 -20.46 -8.80 17.19
C VAL B 43 -21.63 -9.17 16.28
N GLN B 44 -22.33 -10.23 16.66
CA GLN B 44 -23.42 -10.80 15.86
C GLN B 44 -24.75 -10.25 16.30
N THR B 45 -25.39 -9.48 15.44
CA THR B 45 -26.71 -8.91 15.75
C THR B 45 -27.82 -9.60 14.95
N PRO B 46 -29.07 -9.39 15.34
CA PRO B 46 -30.21 -9.85 14.52
C PRO B 46 -30.15 -9.36 13.06
N ASP B 47 -29.55 -8.20 12.84
CA ASP B 47 -29.51 -7.58 11.50
C ASP B 47 -28.12 -7.51 10.87
N GLY B 48 -27.30 -8.53 11.05
CA GLY B 48 -25.95 -8.52 10.47
C GLY B 48 -24.85 -8.40 11.50
N ALA B 49 -23.62 -8.63 11.06
CA ALA B 49 -22.47 -8.69 11.94
C ALA B 49 -21.59 -7.45 11.79
N VAL B 50 -20.91 -7.13 12.87
CA VAL B 50 -19.91 -6.05 12.93
C VAL B 50 -18.59 -6.68 13.28
N LEU B 51 -17.52 -6.24 12.62
CA LEU B 51 -16.17 -6.64 12.93
C LEU B 51 -15.42 -5.41 13.43
N LEU B 52 -14.79 -5.54 14.61
CA LEU B 52 -13.88 -4.53 15.13
C LEU B 52 -12.47 -5.07 15.07
N ASP B 53 -11.71 -4.50 14.12
CA ASP B 53 -10.34 -4.88 13.74
C ASP B 53 -10.29 -6.23 12.99
N GLY B 54 -9.26 -6.39 12.19
CA GLY B 54 -8.97 -7.63 11.49
C GLY B 54 -7.58 -8.19 11.68
N GLY B 55 -6.70 -7.50 12.38
CA GLY B 55 -5.34 -7.98 12.52
C GLY B 55 -4.46 -7.68 11.32
N MET B 56 -3.57 -8.62 11.02
CA MET B 56 -2.56 -8.54 9.96
C MET B 56 -3.19 -8.87 8.60
N PRO B 57 -2.50 -8.35 7.41
CA PRO B 57 -3.14 -8.55 6.09
C PRO B 57 -3.50 -10.01 5.75
N GLN B 58 -2.66 -10.93 6.19
CA GLN B 58 -2.80 -12.33 5.82
C GLN B 58 -3.86 -13.07 6.63
N MET B 59 -4.54 -12.38 7.55
CA MET B 59 -5.61 -12.97 8.36
C MET B 59 -6.99 -12.97 7.71
N ALA B 60 -7.15 -12.38 6.52
CA ALA B 60 -8.47 -12.27 5.94
C ALA B 60 -9.24 -13.60 5.83
N SER B 61 -8.62 -14.63 5.28
CA SER B 61 -9.33 -15.89 5.04
C SER B 61 -9.70 -16.58 6.35
N HIS B 62 -8.77 -16.53 7.32
CA HIS B 62 -9.03 -17.08 8.65
C HIS B 62 -10.22 -16.39 9.34
N LEU B 63 -10.31 -15.07 9.24
CA LEU B 63 -11.47 -14.33 9.77
C LEU B 63 -12.78 -14.81 9.13
N LEU B 64 -12.77 -14.97 7.81
CA LEU B 64 -13.95 -15.42 7.11
C LEU B 64 -14.32 -16.85 7.50
N ASP B 65 -13.33 -17.69 7.73
CA ASP B 65 -13.57 -19.07 8.21
C ASP B 65 -14.22 -19.09 9.59
N ASN B 66 -13.73 -18.23 10.50
CA ASN B 66 -14.30 -18.10 11.82
C ASN B 66 -15.68 -17.49 11.74
N MET B 67 -15.89 -16.55 10.84
CA MET B 67 -17.23 -15.99 10.70
C MET B 67 -18.19 -17.10 10.24
N LYS B 68 -17.74 -17.92 9.31
CA LYS B 68 -18.57 -19.04 8.82
C LYS B 68 -18.90 -20.01 9.96
N ALA B 69 -17.92 -20.31 10.80
CA ALA B 69 -18.10 -21.18 11.95
C ALA B 69 -19.15 -20.63 12.92
N ARG B 70 -19.30 -19.29 12.97
CA ARG B 70 -20.29 -18.61 13.79
C ARG B 70 -21.62 -18.42 13.11
N GLY B 71 -21.73 -18.84 11.84
CA GLY B 71 -22.97 -18.71 11.10
C GLY B 71 -23.14 -17.39 10.38
N VAL B 72 -22.02 -16.69 10.14
CA VAL B 72 -22.03 -15.37 9.48
C VAL B 72 -21.37 -15.57 8.12
N THR B 73 -22.17 -15.44 7.07
CA THR B 73 -21.65 -15.54 5.71
C THR B 73 -21.09 -14.18 5.31
N PRO B 74 -20.29 -14.13 4.26
CA PRO B 74 -19.78 -12.84 3.77
C PRO B 74 -20.85 -11.75 3.58
N ARG B 75 -22.01 -12.10 3.06
CA ARG B 75 -23.07 -11.12 2.86
C ARG B 75 -23.56 -10.56 4.21
N ASP B 76 -23.39 -11.33 5.29
CA ASP B 76 -23.93 -10.96 6.60
C ASP B 76 -23.04 -9.91 7.32
N LEU B 77 -21.78 -9.80 6.96
CA LEU B 77 -20.91 -8.78 7.54
C LEU B 77 -21.28 -7.41 6.99
N ARG B 78 -21.74 -6.53 7.86
CA ARG B 78 -22.24 -5.23 7.44
C ARG B 78 -21.31 -4.06 7.72
N LEU B 79 -20.53 -4.15 8.78
CA LEU B 79 -19.75 -3.00 9.27
C LEU B 79 -18.41 -3.44 9.81
N ILE B 80 -17.36 -2.70 9.46
CA ILE B 80 -16.03 -2.85 10.02
C ILE B 80 -15.69 -1.55 10.75
N LEU B 81 -15.30 -1.69 11.99
CA LEU B 81 -14.78 -0.59 12.83
C LEU B 81 -13.35 -0.88 13.16
N LEU B 82 -12.58 0.17 13.47
CA LEU B 82 -11.17 0.02 13.73
C LEU B 82 -10.73 0.75 14.99
N SER B 83 -9.79 0.14 15.70
CA SER B 83 -9.12 0.79 16.81
C SER B 83 -8.14 1.86 16.23
N HIS B 84 -7.20 1.39 15.41
CA HIS B 84 -6.32 2.28 14.64
C HIS B 84 -5.85 1.63 13.36
N ALA B 85 -5.44 2.45 12.40
CA ALA B 85 -5.13 1.99 11.06
C ALA B 85 -3.66 1.64 10.84
N HIS B 86 -3.06 0.92 11.78
CA HIS B 86 -1.79 0.24 11.52
C HIS B 86 -2.01 -1.14 10.87
N ALA B 87 -0.97 -1.65 10.23
CA ALA B 87 -1.02 -2.89 9.45
C ALA B 87 -1.42 -4.12 10.26
N ASP B 88 -1.09 -4.11 11.54
CA ASP B 88 -1.40 -5.24 12.40
C ASP B 88 -2.81 -5.22 13.00
N HIS B 89 -3.63 -4.21 12.64
CA HIS B 89 -5.04 -4.15 13.05
C HIS B 89 -6.05 -3.93 11.90
N ALA B 90 -5.64 -3.19 10.88
CA ALA B 90 -6.45 -2.91 9.71
C ALA B 90 -5.92 -3.65 8.49
N GLY B 91 -4.92 -4.50 8.68
CA GLY B 91 -4.25 -5.15 7.56
C GLY B 91 -5.15 -5.74 6.48
N PRO B 92 -6.17 -6.51 6.85
CA PRO B 92 -7.04 -7.18 5.87
C PRO B 92 -8.29 -6.44 5.43
N VAL B 93 -8.43 -5.16 5.81
CA VAL B 93 -9.69 -4.47 5.60
C VAL B 93 -10.02 -4.36 4.11
N ALA B 94 -9.06 -4.01 3.26
CA ALA B 94 -9.35 -3.89 1.83
C ALA B 94 -9.92 -5.20 1.29
N GLU B 95 -9.26 -6.29 1.63
CA GLU B 95 -9.66 -7.60 1.14
C GLU B 95 -11.03 -8.01 1.67
N LEU B 96 -11.29 -7.76 2.95
CA LEU B 96 -12.60 -8.03 3.54
C LEU B 96 -13.70 -7.23 2.84
N LYS B 97 -13.43 -5.98 2.50
CA LYS B 97 -14.40 -5.19 1.77
C LYS B 97 -14.72 -5.83 0.41
N ARG B 98 -13.69 -6.33 -0.27
CA ARG B 98 -13.87 -6.93 -1.57
C ARG B 98 -14.69 -8.23 -1.48
N ARG B 99 -14.51 -8.96 -0.38
CA ARG B 99 -15.04 -10.32 -0.28
C ARG B 99 -16.35 -10.41 0.50
N THR B 100 -16.75 -9.31 1.13
CA THR B 100 -17.97 -9.26 1.93
C THR B 100 -18.86 -8.07 1.59
N GLY B 101 -20.04 -8.05 2.20
CA GLY B 101 -20.87 -6.85 2.15
C GLY B 101 -20.40 -5.61 2.96
N ALA B 102 -19.26 -5.68 3.62
CA ALA B 102 -19.00 -4.80 4.75
C ALA B 102 -18.53 -3.41 4.29
N LYS B 103 -19.00 -2.41 5.02
CA LYS B 103 -18.59 -1.03 4.86
C LYS B 103 -17.81 -0.61 6.09
N VAL B 104 -16.92 0.36 5.93
CA VAL B 104 -16.04 0.82 7.01
C VAL B 104 -16.49 2.17 7.54
N ALA B 105 -16.58 2.30 8.86
CA ALA B 105 -16.84 3.59 9.50
C ALA B 105 -15.62 3.91 10.33
N ALA B 106 -15.08 5.12 10.18
CA ALA B 106 -13.87 5.53 10.87
C ALA B 106 -13.81 7.05 10.99
N ASN B 107 -13.01 7.55 11.91
CA ASN B 107 -12.79 9.00 12.00
C ASN B 107 -11.89 9.47 10.87
N ALA B 108 -11.82 10.78 10.70
CA ALA B 108 -11.09 11.32 9.54
C ALA B 108 -9.62 10.94 9.55
N GLU B 109 -8.96 10.99 10.70
CA GLU B 109 -7.56 10.62 10.80
C GLU B 109 -7.35 9.16 10.39
N SER B 110 -8.19 8.27 10.92
CA SER B 110 -8.07 6.85 10.59
C SER B 110 -8.35 6.62 9.12
N ALA B 111 -9.35 7.30 8.58
CA ALA B 111 -9.71 7.19 7.18
C ALA B 111 -8.56 7.58 6.25
N VAL B 112 -7.89 8.69 6.57
CA VAL B 112 -6.76 9.15 5.75
C VAL B 112 -5.60 8.16 5.80
N LEU B 113 -5.29 7.62 6.99
CA LEU B 113 -4.20 6.68 7.14
C LEU B 113 -4.53 5.35 6.43
N LEU B 114 -5.75 4.86 6.60
CA LEU B 114 -6.25 3.66 5.89
C LEU B 114 -6.15 3.83 4.37
N ALA B 115 -6.52 5.01 3.87
CA ALA B 115 -6.55 5.26 2.42
C ALA B 115 -5.16 5.33 1.83
N ARG B 116 -4.15 5.58 2.65
CA ARG B 116 -2.79 5.45 2.16
C ARG B 116 -2.07 4.18 2.60
N GLY B 117 -2.84 3.20 3.04
CA GLY B 117 -2.31 1.89 3.39
C GLY B 117 -1.22 1.95 4.43
N GLY B 118 -1.36 2.92 5.32
CA GLY B 118 -0.41 3.12 6.41
C GLY B 118 0.95 3.65 6.01
N SER B 119 1.10 4.06 4.75
CA SER B 119 2.33 4.69 4.31
C SER B 119 2.45 6.08 4.91
N ASP B 120 3.66 6.63 4.88
CA ASP B 120 3.97 7.97 5.43
C ASP B 120 3.42 8.09 6.86
N ASP B 121 3.68 7.05 7.64
CA ASP B 121 3.31 7.02 9.05
C ASP B 121 4.16 8.08 9.77
N LEU B 122 3.57 8.73 10.77
CA LEU B 122 4.23 9.83 11.48
C LEU B 122 5.54 9.38 12.11
N HIS B 123 5.61 8.12 12.51
CA HIS B 123 6.79 7.58 13.21
C HIS B 123 7.54 6.51 12.44
N PHE B 124 6.84 5.71 11.63
CA PHE B 124 7.45 4.55 11.01
C PHE B 124 7.70 4.71 9.51
N GLY B 125 7.35 5.87 8.97
CA GLY B 125 7.56 6.14 7.56
C GLY B 125 6.76 5.16 6.71
N ASP B 126 7.53 4.30 5.74
CA ASP B 126 6.83 3.32 4.93
C ASP B 126 7.14 1.94 5.40
N GLY B 127 7.60 1.81 6.65
CA GLY B 127 8.00 0.52 7.18
C GLY B 127 6.89 -0.50 7.39
N ILE B 128 5.68 -0.04 7.64
CA ILE B 128 4.52 -0.92 7.85
C ILE B 128 3.34 -0.55 6.96
N THR B 129 3.52 -0.72 5.65
CA THR B 129 2.42 -0.49 4.70
C THR B 129 1.59 -1.75 4.51
N TYR B 130 0.36 -1.55 4.05
CA TYR B 130 -0.60 -2.62 3.79
C TYR B 130 -1.58 -2.15 2.71
N PRO B 131 -2.44 -3.03 2.19
CA PRO B 131 -3.35 -2.62 1.12
C PRO B 131 -4.28 -1.49 1.55
N PRO B 132 -4.34 -0.38 0.80
CA PRO B 132 -5.21 0.72 1.22
C PRO B 132 -6.68 0.38 1.03
N ALA B 133 -7.57 1.11 1.92
CA ALA B 133 -9.01 0.94 1.80
C ALA B 133 -9.62 2.28 2.02
N ASN B 134 -10.84 2.44 1.52
CA ASN B 134 -11.63 3.66 1.67
C ASN B 134 -12.67 3.48 2.77
N ALA B 135 -12.86 4.50 3.60
CA ALA B 135 -13.97 4.55 4.56
C ALA B 135 -15.27 4.96 3.85
N ASP B 136 -16.38 4.34 4.27
CA ASP B 136 -17.70 4.63 3.76
C ASP B 136 -18.45 5.69 4.57
N ARG B 137 -18.06 5.83 5.84
CA ARG B 137 -18.70 6.77 6.76
C ARG B 137 -17.61 7.35 7.67
N ILE B 138 -17.66 8.66 7.86
CA ILE B 138 -16.75 9.35 8.78
C ILE B 138 -17.53 9.63 10.08
N VAL B 139 -16.95 9.20 11.19
CA VAL B 139 -17.53 9.45 12.50
C VAL B 139 -16.77 10.53 13.26
N MET B 140 -17.54 11.22 14.10
CA MET B 140 -17.04 12.28 14.98
C MET B 140 -16.95 11.73 16.39
N ASP B 141 -16.22 12.43 17.25
CA ASP B 141 -16.02 11.94 18.61
C ASP B 141 -17.39 11.87 19.30
N GLY B 142 -17.65 10.75 19.98
CA GLY B 142 -18.92 10.53 20.66
C GLY B 142 -20.10 10.12 19.79
N GLU B 143 -19.91 10.00 18.48
CA GLU B 143 -20.97 9.62 17.58
C GLU B 143 -21.30 8.15 17.81
N VAL B 144 -22.57 7.80 17.62
CA VAL B 144 -23.02 6.42 17.75
C VAL B 144 -23.36 5.83 16.40
N ILE B 145 -23.14 4.50 16.29
CA ILE B 145 -23.57 3.72 15.13
C ILE B 145 -24.34 2.53 15.66
N THR B 146 -25.49 2.24 15.06
CA THR B 146 -26.39 1.19 15.51
C THR B 146 -26.55 0.10 14.46
N VAL B 147 -26.31 -1.15 14.84
CA VAL B 147 -26.55 -2.30 13.97
C VAL B 147 -27.38 -3.30 14.77
N GLY B 148 -28.53 -3.67 14.22
CA GLY B 148 -29.41 -4.66 14.84
C GLY B 148 -29.80 -4.32 16.26
N GLY B 149 -29.94 -3.03 16.54
CA GLY B 149 -30.24 -2.59 17.88
C GLY B 149 -29.05 -2.42 18.80
N ILE B 150 -27.88 -2.96 18.47
CA ILE B 150 -26.68 -2.75 19.26
C ILE B 150 -26.05 -1.41 18.90
N VAL B 151 -25.82 -0.59 19.92
CA VAL B 151 -25.30 0.77 19.73
C VAL B 151 -23.81 0.81 20.09
N PHE B 152 -22.99 1.26 19.14
CA PHE B 152 -21.54 1.39 19.30
C PHE B 152 -21.21 2.87 19.40
N THR B 153 -20.44 3.25 20.40
CA THR B 153 -20.07 4.65 20.62
C THR B 153 -18.56 4.82 20.43
N ALA B 154 -18.18 5.83 19.65
CA ALA B 154 -16.78 6.17 19.42
C ALA B 154 -16.25 7.13 20.48
N HIS B 155 -15.06 6.84 21.02
CA HIS B 155 -14.38 7.72 21.94
C HIS B 155 -12.97 7.95 21.43
N PHE B 156 -12.72 9.13 20.88
CA PHE B 156 -11.41 9.40 20.32
C PHE B 156 -10.41 9.38 21.46
N MET B 157 -9.15 8.79 21.20
CA MET B 157 -8.07 8.70 22.16
C MET B 157 -6.77 8.78 21.38
N ALA B 158 -6.59 9.93 20.73
CA ALA B 158 -5.42 10.22 19.93
C ALA B 158 -4.11 10.00 20.70
N GLY B 159 -3.12 9.47 19.99
CA GLY B 159 -1.77 9.35 20.52
C GLY B 159 -1.00 8.32 19.75
N HIS B 160 -1.32 7.05 20.04
CA HIS B 160 -0.68 5.96 19.36
C HIS B 160 -0.76 6.18 17.84
N THR B 161 -1.93 6.55 17.35
CA THR B 161 -2.07 7.22 16.08
C THR B 161 -2.95 8.42 16.30
N PRO B 162 -2.91 9.40 15.42
CA PRO B 162 -3.85 10.54 15.50
C PRO B 162 -5.32 10.10 15.60
N GLY B 163 -5.69 9.04 14.90
CA GLY B 163 -7.07 8.61 14.81
C GLY B 163 -7.44 7.47 15.74
N SER B 164 -6.58 7.16 16.70
CA SER B 164 -6.88 6.10 17.68
C SER B 164 -8.24 6.31 18.33
N THR B 165 -9.01 5.23 18.44
CA THR B 165 -10.39 5.25 18.86
C THR B 165 -10.66 4.08 19.83
N ALA B 166 -11.41 4.37 20.90
CA ALA B 166 -12.06 3.33 21.68
C ALA B 166 -13.49 3.18 21.25
N TRP B 167 -13.97 1.95 21.17
CA TRP B 167 -15.34 1.66 20.86
C TRP B 167 -15.99 0.99 22.07
N THR B 168 -17.16 1.46 22.46
CA THR B 168 -17.96 0.86 23.54
C THR B 168 -19.36 0.45 23.11
N TRP B 169 -19.83 -0.65 23.69
CA TRP B 169 -21.18 -1.13 23.47
C TRP B 169 -21.60 -1.98 24.67
N THR B 170 -22.89 -2.22 24.79
CA THR B 170 -23.41 -3.03 25.89
C THR B 170 -23.98 -4.32 25.32
N ASP B 171 -23.41 -5.45 25.74
CA ASP B 171 -23.92 -6.78 25.45
C ASP B 171 -24.58 -7.34 26.73
N THR B 172 -24.86 -8.64 26.75
CA THR B 172 -25.34 -9.34 27.95
C THR B 172 -24.53 -10.61 28.20
N ARG B 173 -24.55 -11.09 29.44
CA ARG B 173 -23.88 -12.34 29.82
C ARG B 173 -24.49 -12.76 31.14
N ASN B 174 -24.61 -14.07 31.33
CA ASN B 174 -25.32 -14.64 32.51
C ASN B 174 -26.51 -13.77 32.97
N GLY B 175 -27.29 -13.27 32.01
CA GLY B 175 -28.49 -12.50 32.28
C GLY B 175 -28.36 -10.99 32.56
N LYS B 176 -27.14 -10.49 32.62
CA LYS B 176 -26.93 -9.09 33.02
C LYS B 176 -26.27 -8.29 31.90
N PRO B 177 -26.46 -6.98 31.88
CA PRO B 177 -25.74 -6.11 30.93
C PRO B 177 -24.24 -6.17 31.18
N VAL B 178 -23.45 -6.11 30.10
CA VAL B 178 -22.01 -6.10 30.16
C VAL B 178 -21.56 -4.97 29.26
N ARG B 179 -21.01 -3.92 29.86
CA ARG B 179 -20.53 -2.75 29.13
C ARG B 179 -19.11 -3.06 28.69
N ILE B 180 -18.94 -3.32 27.39
CA ILE B 180 -17.65 -3.69 26.83
C ILE B 180 -16.95 -2.45 26.31
N ALA B 181 -15.67 -2.33 26.66
CA ALA B 181 -14.82 -1.26 26.14
C ALA B 181 -13.62 -1.84 25.39
N TYR B 182 -13.58 -1.59 24.08
CA TYR B 182 -12.47 -1.99 23.25
C TYR B 182 -11.62 -0.74 23.09
N ALA B 183 -10.62 -0.63 23.96
CA ALA B 183 -9.79 0.56 24.06
C ALA B 183 -8.54 0.36 23.23
N ASP B 184 -8.17 1.37 22.46
CA ASP B 184 -6.98 1.27 21.61
C ASP B 184 -5.71 1.29 22.42
N SER B 185 -4.61 0.97 21.75
CA SER B 185 -3.28 1.08 22.30
C SER B 185 -2.99 2.47 22.87
N LEU B 186 -2.36 2.48 24.04
CA LEU B 186 -1.85 3.69 24.72
C LEU B 186 -0.31 3.69 24.77
N SER B 187 0.38 2.82 23.93
CA SER B 187 1.82 2.63 23.77
C SER B 187 2.37 3.66 22.78
N ALA B 188 3.67 3.93 22.89
CA ALA B 188 4.40 4.78 21.95
C ALA B 188 5.71 4.10 21.53
N PRO B 189 5.63 2.96 20.84
CA PRO B 189 6.78 2.09 20.59
C PRO B 189 7.84 2.70 19.66
N GLY B 190 8.94 3.15 20.24
CA GLY B 190 10.01 3.76 19.49
C GLY B 190 9.75 5.18 19.04
N TYR B 191 8.67 5.79 19.52
CA TYR B 191 8.28 7.14 19.11
C TYR B 191 9.20 8.20 19.73
N GLN B 192 9.50 9.25 18.97
CA GLN B 192 9.99 10.50 19.55
C GLN B 192 8.78 11.24 20.12
N LEU B 193 8.75 11.42 21.44
CA LEU B 193 7.63 12.04 22.14
C LEU B 193 7.67 13.58 22.17
N GLN B 194 8.83 14.13 22.52
CA GLN B 194 8.98 15.57 22.73
C GLN B 194 9.50 16.25 21.45
N GLY B 195 8.89 17.36 21.07
CA GLY B 195 9.39 18.17 19.96
C GLY B 195 9.39 17.46 18.61
N ASN B 196 8.42 16.57 18.40
CA ASN B 196 8.30 15.78 17.19
C ASN B 196 7.62 16.68 16.16
N PRO B 197 8.32 17.05 15.08
CA PRO B 197 7.72 18.01 14.12
C PRO B 197 6.47 17.48 13.40
N ARG B 198 6.35 16.16 13.27
CA ARG B 198 5.17 15.55 12.67
C ARG B 198 3.97 15.41 13.62
N TYR B 199 4.20 15.57 14.92
CA TYR B 199 3.17 15.46 15.94
C TYR B 199 3.48 16.38 17.12
N PRO B 200 3.39 17.71 16.91
CA PRO B 200 3.83 18.64 17.95
C PRO B 200 3.15 18.50 19.31
N HIS B 201 1.87 18.14 19.35
CA HIS B 201 1.13 18.09 20.60
C HIS B 201 0.90 16.63 21.05
N LEU B 202 1.81 15.75 20.67
CA LEU B 202 1.73 14.33 20.99
C LEU B 202 1.53 14.09 22.49
N ILE B 203 2.32 14.75 23.33
CA ILE B 203 2.26 14.48 24.78
C ILE B 203 0.91 14.90 25.34
N GLU B 204 0.40 16.05 24.93
CA GLU B 204 -0.89 16.51 25.40
C GLU B 204 -2.04 15.55 25.01
N ASP B 205 -1.95 15.02 23.81
CA ASP B 205 -2.98 14.11 23.31
C ASP B 205 -2.95 12.79 24.11
N TYR B 206 -1.76 12.28 24.38
CA TYR B 206 -1.65 11.06 25.16
C TYR B 206 -2.21 11.27 26.56
N ARG B 207 -1.91 12.41 27.20
CA ARG B 207 -2.44 12.68 28.53
C ARG B 207 -3.95 12.75 28.55
N ARG B 208 -4.54 13.38 27.54
CA ARG B 208 -5.99 13.44 27.43
C ARG B 208 -6.57 12.04 27.22
N SER B 209 -5.83 11.24 26.45
CA SER B 209 -6.27 9.88 26.09
C SER B 209 -6.24 8.98 27.35
N PHE B 210 -5.25 9.15 28.23
CA PHE B 210 -5.25 8.39 29.49
C PHE B 210 -6.53 8.65 30.27
N ALA B 211 -6.95 9.92 30.31
CA ALA B 211 -8.13 10.35 31.04
C ALA B 211 -9.41 9.80 30.40
N THR B 212 -9.45 9.79 29.08
CA THR B 212 -10.60 9.24 28.34
C THR B 212 -10.76 7.77 28.64
N VAL B 213 -9.66 7.03 28.58
CA VAL B 213 -9.71 5.60 28.78
C VAL B 213 -10.12 5.27 30.23
N ARG B 214 -9.57 6.02 31.18
CA ARG B 214 -9.89 5.85 32.60
C ARG B 214 -11.38 5.94 32.88
N ALA B 215 -12.06 6.84 32.15
CA ALA B 215 -13.46 7.12 32.42
C ALA B 215 -14.45 6.33 31.55
N LEU B 216 -13.99 5.40 30.70
CA LEU B 216 -14.93 4.70 29.79
C LEU B 216 -15.95 3.83 30.58
N PRO B 217 -17.14 3.62 30.04
CA PRO B 217 -18.04 2.61 30.63
C PRO B 217 -17.41 1.26 30.32
N CYS B 218 -17.09 0.50 31.36
CA CYS B 218 -16.09 -0.56 31.25
C CYS B 218 -16.25 -1.72 32.23
N ASP B 219 -17.29 -2.53 32.08
CA ASP B 219 -17.33 -3.79 32.82
C ASP B 219 -16.26 -4.75 32.37
N VAL B 220 -15.96 -4.76 31.06
CA VAL B 220 -14.92 -5.61 30.52
C VAL B 220 -14.10 -4.80 29.52
N LEU B 221 -12.79 -4.81 29.70
CA LEU B 221 -11.84 -4.15 28.80
C LEU B 221 -11.25 -5.20 27.87
N LEU B 222 -11.22 -4.89 26.56
CA LEU B 222 -10.43 -5.60 25.56
C LEU B 222 -9.49 -4.62 24.84
N THR B 223 -8.36 -5.11 24.34
CA THR B 223 -7.40 -4.28 23.62
C THR B 223 -6.88 -4.96 22.37
N PRO B 224 -6.46 -4.17 21.38
CA PRO B 224 -5.97 -4.73 20.12
C PRO B 224 -4.86 -5.76 20.29
N HIS B 225 -3.88 -5.46 21.13
CA HIS B 225 -2.91 -6.44 21.58
C HIS B 225 -3.42 -6.93 22.92
N PRO B 226 -3.92 -8.15 22.99
CA PRO B 226 -4.63 -8.59 24.21
C PRO B 226 -3.76 -8.54 25.50
N GLY B 227 -2.46 -8.73 25.35
CA GLY B 227 -1.49 -8.60 26.43
C GLY B 227 -1.54 -7.28 27.19
N ALA B 228 -1.84 -6.21 26.48
CA ALA B 228 -1.97 -4.88 27.07
C ALA B 228 -3.03 -4.79 28.18
N SER B 229 -4.09 -5.58 28.07
CA SER B 229 -5.15 -5.62 29.09
C SER B 229 -5.14 -6.95 29.89
N ASN B 230 -4.08 -7.72 29.74
CA ASN B 230 -3.86 -8.95 30.49
C ASN B 230 -4.83 -10.06 30.10
N TRP B 231 -5.27 -10.01 28.84
CA TRP B 231 -6.02 -11.13 28.26
C TRP B 231 -5.03 -12.21 27.80
N ASP B 232 -5.47 -13.46 27.85
CA ASP B 232 -4.70 -14.56 27.32
C ASP B 232 -5.69 -15.45 26.55
N TYR B 233 -5.86 -15.15 25.26
CA TYR B 233 -6.84 -15.82 24.44
C TYR B 233 -6.60 -17.34 24.32
N ALA B 234 -5.37 -17.79 24.53
CA ALA B 234 -5.07 -19.23 24.49
C ALA B 234 -5.44 -19.96 25.79
N ALA B 235 -5.89 -19.23 26.82
CA ALA B 235 -6.21 -19.84 28.13
C ALA B 235 -7.68 -20.32 28.28
N GLY B 236 -8.42 -20.35 27.18
CA GLY B 236 -9.77 -20.89 27.17
C GLY B 236 -10.73 -20.27 28.16
N ALA B 237 -11.21 -21.06 29.11
CA ALA B 237 -12.24 -20.61 30.07
C ALA B 237 -11.78 -19.49 31.01
N ARG B 238 -10.48 -19.35 31.20
CA ARG B 238 -9.93 -18.30 32.06
C ARG B 238 -9.24 -17.21 31.25
N ALA B 239 -9.60 -17.17 29.74
CA ALA B 239 -8.92 -16.19 28.87
C ALA B 239 -8.95 -14.78 29.46
N GLY B 240 -10.10 -14.39 29.99
CA GLY B 240 -10.33 -13.02 30.47
C GLY B 240 -10.23 -12.81 31.98
N ALA B 241 -9.77 -13.82 32.70
CA ALA B 241 -9.85 -13.82 34.16
C ALA B 241 -9.03 -12.67 34.74
N LYS B 242 -7.83 -12.47 34.19
CA LYS B 242 -6.87 -11.53 34.74
C LYS B 242 -6.95 -10.15 34.09
N ALA B 243 -7.97 -9.95 33.27
CA ALA B 243 -8.10 -8.70 32.53
C ALA B 243 -8.12 -7.50 33.48
N LEU B 244 -7.35 -6.48 33.09
CA LEU B 244 -7.38 -5.18 33.76
C LEU B 244 -8.72 -4.44 33.62
N THR B 245 -9.00 -3.55 34.56
CA THR B 245 -10.03 -2.52 34.37
C THR B 245 -9.49 -1.45 33.41
N CYS B 246 -10.38 -0.64 32.86
CA CYS B 246 -9.95 0.54 32.07
C CYS B 246 -9.08 1.48 32.90
N LYS B 247 -9.48 1.70 34.15
CA LYS B 247 -8.74 2.52 35.12
C LYS B 247 -7.31 2.03 35.28
N ALA B 248 -7.11 0.71 35.44
CA ALA B 248 -5.77 0.16 35.66
C ALA B 248 -4.93 0.18 34.38
N TYR B 249 -5.58 -0.05 33.25
CA TYR B 249 -4.91 -0.01 31.96
C TYR B 249 -4.38 1.42 31.69
N ALA B 250 -5.22 2.41 31.91
CA ALA B 250 -4.84 3.83 31.75
C ALA B 250 -3.67 4.18 32.67
N ASP B 251 -3.77 3.77 33.93
CA ASP B 251 -2.74 4.09 34.90
C ASP B 251 -1.39 3.46 34.55
N ALA B 252 -1.39 2.19 34.16
CA ALA B 252 -0.19 1.50 33.72
C ALA B 252 0.43 2.19 32.50
N ALA B 253 -0.42 2.57 31.56
CA ALA B 253 0.04 3.18 30.31
C ALA B 253 0.67 4.55 30.60
N GLU B 254 0.10 5.29 31.55
CA GLU B 254 0.63 6.62 31.92
C GLU B 254 1.97 6.49 32.63
N GLN B 255 2.07 5.53 33.54
CA GLN B 255 3.34 5.25 34.21
C GLN B 255 4.44 4.88 33.22
N LYS B 256 4.13 3.99 32.28
CA LYS B 256 5.09 3.61 31.27
C LYS B 256 5.49 4.84 30.42
N PHE B 257 4.50 5.64 30.07
CA PHE B 257 4.70 6.79 29.20
C PHE B 257 5.61 7.80 29.89
N ASP B 258 5.35 8.07 31.17
CA ASP B 258 6.18 8.96 31.97
C ASP B 258 7.61 8.50 32.06
N GLY B 259 7.82 7.19 32.23
CA GLY B 259 9.16 6.63 32.21
C GLY B 259 9.83 6.79 30.87
N GLN B 260 9.09 6.59 29.77
CA GLN B 260 9.64 6.75 28.42
C GLN B 260 10.06 8.20 28.19
N LEU B 261 9.27 9.14 28.70
CA LEU B 261 9.57 10.56 28.57
C LEU B 261 10.85 10.95 29.31
N ALA B 262 11.00 10.45 30.53
CA ALA B 262 12.21 10.67 31.32
C ALA B 262 13.44 10.06 30.64
N LYS B 263 13.28 8.87 30.07
CA LYS B 263 14.36 8.21 29.37
C LYS B 263 14.75 8.96 28.11
N GLU B 264 13.75 9.54 27.44
CA GLU B 264 14.00 10.31 26.24
C GLU B 264 14.80 11.57 26.57
N THR B 265 14.37 12.26 27.62
CA THR B 265 15.09 13.42 28.14
C THR B 265 16.54 13.05 28.49
N ALA B 266 16.73 11.87 29.06
CA ALA B 266 18.10 11.43 29.38
C ALA B 266 18.91 11.00 28.14
N GLY B 267 18.23 10.44 27.14
CA GLY B 267 18.89 9.74 26.05
C GLY B 267 19.48 10.63 24.99
#